data_2M7E
#
_entry.id   2M7E
#
_entity_poly.entity_id   1
_entity_poly.type   'polypeptide(L)'
_entity_poly.pdbx_seq_one_letter_code
;VLEKWRNLCGVVKNPKRRFRFTANLS
;
_entity_poly.pdbx_strand_id   A
#
# COMPACT_ATOMS: atom_id res chain seq x y z
N VAL A 1 0.51 -17.38 4.53
CA VAL A 1 0.89 -15.99 4.34
C VAL A 1 -0.02 -15.31 3.32
N LEU A 2 -1.18 -14.86 3.79
CA LEU A 2 -2.15 -14.19 2.92
C LEU A 2 -2.84 -13.04 3.67
N GLU A 3 -3.19 -13.28 4.92
CA GLU A 3 -3.85 -12.27 5.74
C GLU A 3 -3.01 -10.99 5.80
N LYS A 4 -1.71 -11.13 5.58
CA LYS A 4 -0.79 -10.00 5.62
C LYS A 4 -0.85 -9.23 4.30
N TRP A 5 -1.07 -9.94 3.22
CA TRP A 5 -1.14 -9.32 1.89
C TRP A 5 -2.52 -8.70 1.66
N ARG A 6 -3.54 -9.27 2.30
CA ARG A 6 -4.90 -8.78 2.15
C ARG A 6 -5.14 -7.59 3.07
N ASN A 7 -4.30 -7.45 4.10
CA ASN A 7 -4.43 -6.35 5.04
C ASN A 7 -3.53 -5.18 4.65
N LEU A 8 -2.46 -5.49 3.92
CA LEU A 8 -1.52 -4.47 3.47
C LEU A 8 -2.12 -3.63 2.34
N CYS A 9 -2.83 -4.29 1.44
CA CYS A 9 -3.45 -3.62 0.31
C CYS A 9 -4.34 -2.47 0.80
N GLY A 10 -4.86 -2.59 2.01
CA GLY A 10 -5.71 -1.56 2.57
C GLY A 10 -4.99 -0.24 2.73
N VAL A 11 -3.66 -0.28 2.66
CA VAL A 11 -2.85 0.93 2.81
C VAL A 11 -1.95 1.13 1.60
N VAL A 12 -1.45 0.04 1.05
CA VAL A 12 -0.57 0.10 -0.11
C VAL A 12 -1.37 0.39 -1.38
N LYS A 13 -2.66 0.06 -1.36
CA LYS A 13 -3.52 0.28 -2.50
C LYS A 13 -4.68 1.22 -2.14
N ASN A 14 -4.44 2.08 -1.16
CA ASN A 14 -5.45 3.04 -0.72
C ASN A 14 -4.93 4.47 -0.81
N PRO A 15 -4.71 4.94 -2.04
CA PRO A 15 -4.21 6.30 -2.29
C PRO A 15 -5.25 7.36 -1.98
N LYS A 16 -6.50 6.94 -1.81
CA LYS A 16 -7.59 7.85 -1.50
C LYS A 16 -7.39 8.49 -0.13
N ARG A 17 -6.81 7.73 0.79
CA ARG A 17 -6.56 8.22 2.15
C ARG A 17 -5.06 8.23 2.45
N ARG A 18 -4.33 7.34 1.80
CA ARG A 18 -2.88 7.25 2.02
C ARG A 18 -2.14 8.25 1.13
N PHE A 19 -1.00 8.71 1.61
CA PHE A 19 -0.19 9.68 0.87
C PHE A 19 0.41 9.04 -0.38
N ARG A 20 0.40 7.72 -0.42
CA ARG A 20 0.94 6.98 -1.56
C ARG A 20 2.44 7.22 -1.69
N PHE A 21 3.23 6.20 -1.36
CA PHE A 21 4.68 6.29 -1.44
C PHE A 21 5.27 5.09 -2.19
N THR A 22 5.35 5.21 -3.51
CA THR A 22 5.89 4.14 -4.34
C THR A 22 7.41 4.18 -4.36
N ALA A 23 7.99 5.13 -3.63
CA ALA A 23 9.43 5.27 -3.57
C ALA A 23 10.03 5.52 -4.96
N ASN A 24 9.43 6.45 -5.69
CA ASN A 24 9.90 6.78 -7.02
C ASN A 24 11.06 7.76 -6.97
N LEU A 25 12.19 7.38 -7.57
CA LEU A 25 13.38 8.22 -7.59
C LEU A 25 13.06 9.60 -8.15
N SER A 26 13.17 10.62 -7.30
CA SER A 26 12.89 11.99 -7.70
C SER A 26 13.89 12.45 -8.77
N VAL A 1 0.03 -15.70 7.90
CA VAL A 1 0.62 -14.84 6.88
C VAL A 1 -0.44 -14.30 5.92
N LEU A 2 -1.51 -15.07 5.74
CA LEU A 2 -2.60 -14.67 4.86
C LEU A 2 -3.08 -13.26 5.20
N GLU A 3 -3.34 -13.01 6.48
CA GLU A 3 -3.81 -11.71 6.93
C GLU A 3 -2.84 -10.61 6.50
N LYS A 4 -1.56 -10.97 6.37
CA LYS A 4 -0.54 -10.01 5.97
C LYS A 4 -0.66 -9.68 4.48
N TRP A 5 -1.25 -10.60 3.73
CA TRP A 5 -1.43 -10.40 2.29
C TRP A 5 -2.75 -9.70 2.01
N ARG A 6 -3.72 -9.86 2.90
CA ARG A 6 -5.03 -9.24 2.74
C ARG A 6 -5.03 -7.82 3.27
N ASN A 7 -4.05 -7.51 4.12
CA ASN A 7 -3.94 -6.18 4.71
C ASN A 7 -2.96 -5.32 3.93
N LEU A 8 -2.09 -5.97 3.17
CA LEU A 8 -1.09 -5.27 2.36
C LEU A 8 -1.76 -4.50 1.23
N CYS A 9 -2.46 -5.21 0.35
CA CYS A 9 -3.14 -4.58 -0.77
C CYS A 9 -4.15 -3.55 -0.29
N GLY A 10 -4.58 -3.69 0.96
CA GLY A 10 -5.54 -2.75 1.52
C GLY A 10 -4.93 -1.39 1.81
N VAL A 11 -3.62 -1.30 1.66
CA VAL A 11 -2.90 -0.04 1.89
C VAL A 11 -2.10 0.37 0.67
N VAL A 12 -1.56 -0.60 -0.04
CA VAL A 12 -0.76 -0.35 -1.23
C VAL A 12 -1.63 0.19 -2.36
N LYS A 13 -2.93 -0.06 -2.27
CA LYS A 13 -3.87 0.41 -3.28
C LYS A 13 -5.03 1.18 -2.65
N ASN A 14 -4.72 1.93 -1.59
CA ASN A 14 -5.72 2.72 -0.90
C ASN A 14 -5.33 4.19 -0.83
N PRO A 15 -5.30 4.85 -2.00
CA PRO A 15 -4.93 6.27 -2.10
C PRO A 15 -5.99 7.18 -1.49
N LYS A 16 -7.21 6.67 -1.38
CA LYS A 16 -8.31 7.45 -0.81
C LYS A 16 -7.97 7.92 0.59
N ARG A 17 -7.10 7.19 1.27
CA ARG A 17 -6.68 7.53 2.63
C ARG A 17 -5.17 7.59 2.73
N ARG A 18 -4.49 6.69 2.02
CA ARG A 18 -3.03 6.64 2.04
C ARG A 18 -2.44 7.68 1.09
N PHE A 19 -1.13 7.58 0.85
CA PHE A 19 -0.44 8.51 -0.03
C PHE A 19 0.25 7.76 -1.16
N ARG A 20 0.37 8.41 -2.32
CA ARG A 20 1.01 7.80 -3.48
C ARG A 20 2.41 7.32 -3.12
N PHE A 21 2.87 6.31 -3.85
CA PHE A 21 4.20 5.74 -3.61
C PHE A 21 5.04 5.77 -4.88
N THR A 22 5.41 6.97 -5.31
CA THR A 22 6.21 7.13 -6.52
C THR A 22 7.54 6.40 -6.40
N ALA A 23 7.95 6.11 -5.17
CA ALA A 23 9.20 5.40 -4.91
C ALA A 23 10.38 6.14 -5.53
N ASN A 24 10.34 7.47 -5.46
CA ASN A 24 11.41 8.30 -6.02
C ASN A 24 12.00 9.20 -4.94
N LEU A 25 13.31 9.41 -5.00
CA LEU A 25 14.00 10.25 -4.04
C LEU A 25 14.42 11.57 -4.67
N SER A 26 15.17 11.49 -5.76
CA SER A 26 15.63 12.68 -6.47
C SER A 26 14.49 13.35 -7.21
N VAL A 1 2.14 -15.66 4.92
CA VAL A 1 1.13 -14.87 5.61
C VAL A 1 0.24 -14.13 4.62
N LEU A 2 -0.69 -14.86 4.01
CA LEU A 2 -1.60 -14.27 3.03
C LEU A 2 -2.42 -13.15 3.67
N GLU A 3 -2.89 -13.38 4.89
CA GLU A 3 -3.68 -12.39 5.61
C GLU A 3 -2.91 -11.08 5.75
N LYS A 4 -1.59 -11.17 5.71
CA LYS A 4 -0.73 -10.00 5.83
C LYS A 4 -0.55 -9.31 4.49
N TRP A 5 -0.49 -10.10 3.42
CA TRP A 5 -0.31 -9.57 2.07
C TRP A 5 -1.62 -8.98 1.56
N ARG A 6 -2.74 -9.57 1.98
CA ARG A 6 -4.05 -9.10 1.55
C ARG A 6 -4.44 -7.81 2.27
N ASN A 7 -3.85 -7.60 3.45
CA ASN A 7 -4.13 -6.41 4.24
C ASN A 7 -3.13 -5.30 3.93
N LEU A 8 -1.96 -5.69 3.45
CA LEU A 8 -0.91 -4.73 3.11
C LEU A 8 -1.27 -3.97 1.84
N CYS A 9 -1.63 -4.71 0.80
CA CYS A 9 -1.99 -4.11 -0.48
C CYS A 9 -3.17 -3.14 -0.31
N GLY A 10 -3.94 -3.34 0.75
CA GLY A 10 -5.08 -2.49 1.01
C GLY A 10 -4.68 -1.13 1.57
N VAL A 11 -3.38 -0.94 1.79
CA VAL A 11 -2.88 0.31 2.33
C VAL A 11 -1.93 0.99 1.34
N VAL A 12 -1.24 0.17 0.54
CA VAL A 12 -0.30 0.69 -0.44
C VAL A 12 -1.03 1.33 -1.62
N LYS A 13 -2.22 0.82 -1.91
CA LYS A 13 -3.02 1.34 -3.01
C LYS A 13 -4.30 2.00 -2.49
N ASN A 14 -4.19 2.64 -1.33
CA ASN A 14 -5.33 3.32 -0.71
C ASN A 14 -5.09 4.82 -0.63
N PRO A 15 -5.20 5.50 -1.78
CA PRO A 15 -5.00 6.96 -1.86
C PRO A 15 -6.11 7.74 -1.18
N LYS A 16 -7.16 7.03 -0.76
CA LYS A 16 -8.29 7.66 -0.09
C LYS A 16 -7.90 8.12 1.31
N ARG A 17 -7.25 7.23 2.06
CA ARG A 17 -6.83 7.56 3.42
C ARG A 17 -5.30 7.66 3.50
N ARG A 18 -4.63 7.25 2.43
CA ARG A 18 -3.17 7.30 2.38
C ARG A 18 -2.70 8.01 1.12
N PHE A 19 -1.40 7.93 0.85
CA PHE A 19 -0.81 8.58 -0.31
C PHE A 19 -0.34 7.52 -1.32
N ARG A 20 0.29 7.99 -2.40
CA ARG A 20 0.79 7.10 -3.45
C ARG A 20 2.31 7.03 -3.41
N PHE A 21 2.84 5.97 -2.82
CA PHE A 21 4.28 5.78 -2.72
C PHE A 21 4.70 4.47 -3.37
N THR A 22 4.95 4.52 -4.67
CA THR A 22 5.37 3.33 -5.41
C THR A 22 6.86 3.05 -5.24
N ALA A 23 7.52 3.93 -4.49
CA ALA A 23 8.95 3.78 -4.24
C ALA A 23 9.76 3.88 -5.54
N ASN A 24 9.36 4.82 -6.40
CA ASN A 24 10.05 5.02 -7.68
C ASN A 24 11.48 5.47 -7.45
N LEU A 25 11.73 6.14 -6.34
CA LEU A 25 13.07 6.63 -6.02
C LEU A 25 13.53 6.10 -4.67
N SER A 26 14.82 5.79 -4.57
CA SER A 26 15.38 5.27 -3.33
C SER A 26 15.60 6.39 -2.31
N VAL A 1 -0.02 -15.13 8.76
CA VAL A 1 0.52 -14.68 7.48
C VAL A 1 -0.58 -14.47 6.46
N LEU A 2 -1.68 -15.20 6.62
CA LEU A 2 -2.82 -15.10 5.70
C LEU A 2 -3.45 -13.72 5.78
N GLU A 3 -3.86 -13.33 6.98
CA GLU A 3 -4.49 -12.02 7.19
C GLU A 3 -3.60 -10.90 6.68
N LYS A 4 -2.29 -11.15 6.67
CA LYS A 4 -1.32 -10.16 6.19
C LYS A 4 -1.42 -9.98 4.68
N TRP A 5 -1.89 -11.02 3.99
CA TRP A 5 -2.03 -10.98 2.54
C TRP A 5 -3.31 -10.24 2.15
N ARG A 6 -4.36 -10.44 2.92
CA ARG A 6 -5.64 -9.79 2.64
C ARG A 6 -5.56 -8.30 2.93
N ASN A 7 -4.60 -7.90 3.75
CA ASN A 7 -4.42 -6.51 4.11
C ASN A 7 -3.31 -5.86 3.28
N LEU A 8 -2.42 -6.71 2.74
CA LEU A 8 -1.31 -6.23 1.93
C LEU A 8 -1.81 -5.35 0.78
N CYS A 9 -2.57 -5.96 -0.12
CA CYS A 9 -3.12 -5.24 -1.27
C CYS A 9 -3.95 -4.05 -0.81
N GLY A 10 -4.48 -4.13 0.40
CA GLY A 10 -5.30 -3.06 0.94
C GLY A 10 -4.50 -1.80 1.17
N VAL A 11 -3.17 -1.91 1.12
CA VAL A 11 -2.30 -0.77 1.33
C VAL A 11 -1.44 -0.50 0.10
N VAL A 12 -1.01 -1.57 -0.56
CA VAL A 12 -0.17 -1.46 -1.75
C VAL A 12 -0.81 -0.53 -2.78
N LYS A 13 -2.14 -0.46 -2.76
CA LYS A 13 -2.88 0.39 -3.69
C LYS A 13 -4.11 0.99 -3.03
N ASN A 14 -3.89 1.98 -2.15
CA ASN A 14 -4.98 2.63 -1.45
C ASN A 14 -4.67 4.11 -1.21
N PRO A 15 -4.60 4.88 -2.30
CA PRO A 15 -4.31 6.32 -2.23
C PRO A 15 -5.45 7.12 -1.61
N LYS A 16 -6.61 6.47 -1.46
CA LYS A 16 -7.78 7.12 -0.88
C LYS A 16 -7.56 7.40 0.60
N ARG A 17 -6.98 6.45 1.31
CA ARG A 17 -6.71 6.59 2.74
C ARG A 17 -5.21 6.79 3.00
N ARG A 18 -4.39 6.33 2.05
CA ARG A 18 -2.95 6.45 2.18
C ARG A 18 -2.37 7.27 1.03
N PHE A 19 -1.04 7.40 1.01
CA PHE A 19 -0.36 8.15 -0.03
C PHE A 19 -0.01 7.26 -1.22
N ARG A 20 0.79 7.79 -2.14
CA ARG A 20 1.20 7.05 -3.32
C ARG A 20 2.70 6.77 -3.29
N PHE A 21 3.10 5.67 -3.92
CA PHE A 21 4.51 5.29 -3.96
C PHE A 21 5.15 5.76 -5.26
N THR A 22 5.29 7.08 -5.41
CA THR A 22 5.88 7.65 -6.60
C THR A 22 7.30 7.13 -6.82
N ALA A 23 7.92 6.65 -5.74
CA ALA A 23 9.27 6.12 -5.82
C ALA A 23 10.25 7.16 -6.36
N ASN A 24 9.92 8.43 -6.15
CA ASN A 24 10.76 9.51 -6.63
C ASN A 24 11.39 10.28 -5.46
N LEU A 25 12.72 10.33 -5.44
CA LEU A 25 13.43 11.03 -4.38
C LEU A 25 13.96 12.38 -4.86
N SER A 26 14.66 12.36 -6.00
CA SER A 26 15.21 13.57 -6.57
C SER A 26 14.11 14.56 -6.94
N VAL A 1 1.38 -17.47 5.92
CA VAL A 1 0.95 -16.09 5.99
C VAL A 1 0.20 -15.69 4.74
N LEU A 2 -1.08 -15.34 4.90
CA LEU A 2 -1.93 -14.94 3.78
C LEU A 2 -2.80 -13.75 4.16
N GLU A 3 -3.49 -13.87 5.30
CA GLU A 3 -4.36 -12.80 5.77
C GLU A 3 -3.61 -11.49 5.89
N LYS A 4 -2.29 -11.57 6.04
CA LYS A 4 -1.44 -10.40 6.17
C LYS A 4 -1.23 -9.73 4.81
N TRP A 5 -1.13 -10.55 3.77
CA TRP A 5 -0.93 -10.03 2.42
C TRP A 5 -2.21 -9.44 1.86
N ARG A 6 -3.35 -10.02 2.23
CA ARG A 6 -4.64 -9.54 1.78
C ARG A 6 -5.03 -8.24 2.49
N ASN A 7 -4.49 -8.05 3.69
CA ASN A 7 -4.78 -6.87 4.47
C ASN A 7 -3.81 -5.74 4.14
N LEU A 8 -2.62 -6.12 3.67
CA LEU A 8 -1.59 -5.14 3.31
C LEU A 8 -1.95 -4.44 2.01
N CYS A 9 -2.63 -5.16 1.12
CA CYS A 9 -3.03 -4.61 -0.18
C CYS A 9 -3.97 -3.43 0.02
N GLY A 10 -4.56 -3.32 1.21
CA GLY A 10 -5.48 -2.24 1.49
C GLY A 10 -4.76 -0.94 1.79
N VAL A 11 -3.43 -0.97 1.76
CA VAL A 11 -2.63 0.21 2.04
C VAL A 11 -1.66 0.50 0.89
N VAL A 12 -1.14 -0.55 0.28
CA VAL A 12 -0.20 -0.42 -0.81
C VAL A 12 -0.85 0.28 -2.01
N LYS A 13 -2.17 0.12 -2.14
CA LYS A 13 -2.91 0.73 -3.23
C LYS A 13 -4.13 1.46 -2.70
N ASN A 14 -3.93 2.32 -1.70
CA ASN A 14 -5.02 3.09 -1.11
C ASN A 14 -4.65 4.56 -1.01
N PRO A 15 -4.41 5.20 -2.17
CA PRO A 15 -4.04 6.61 -2.23
C PRO A 15 -5.20 7.54 -1.86
N LYS A 16 -6.41 6.99 -1.90
CA LYS A 16 -7.61 7.76 -1.58
C LYS A 16 -7.60 8.18 -0.11
N ARG A 17 -7.05 7.31 0.75
CA ARG A 17 -6.97 7.60 2.17
C ARG A 17 -5.53 7.82 2.61
N ARG A 18 -4.60 7.15 1.93
CA ARG A 18 -3.19 7.27 2.24
C ARG A 18 -2.43 7.92 1.09
N PHE A 19 -1.11 8.00 1.24
CA PHE A 19 -0.26 8.60 0.21
C PHE A 19 0.35 7.54 -0.69
N ARG A 20 1.29 7.96 -1.54
CA ARG A 20 1.95 7.03 -2.46
C ARG A 20 3.42 6.87 -2.09
N PHE A 21 3.98 5.71 -2.40
CA PHE A 21 5.38 5.43 -2.11
C PHE A 21 6.26 5.74 -3.33
N THR A 22 6.37 7.02 -3.67
CA THR A 22 7.17 7.44 -4.80
C THR A 22 8.62 7.00 -4.65
N ALA A 23 9.02 6.73 -3.40
CA ALA A 23 10.39 6.30 -3.12
C ALA A 23 11.40 7.31 -3.64
N ASN A 24 11.03 8.59 -3.61
CA ASN A 24 11.91 9.65 -4.09
C ASN A 24 12.36 9.38 -5.53
N LEU A 25 11.43 8.89 -6.35
CA LEU A 25 11.72 8.59 -7.75
C LEU A 25 11.07 9.62 -8.67
N SER A 26 11.58 9.71 -9.90
CA SER A 26 11.04 10.65 -10.87
C SER A 26 9.94 10.00 -11.71
N VAL A 1 4.42 -13.83 4.81
CA VAL A 1 3.46 -12.91 5.40
C VAL A 1 2.43 -12.47 4.35
N LEU A 2 1.64 -13.41 3.87
CA LEU A 2 0.62 -13.11 2.87
C LEU A 2 -0.42 -12.13 3.42
N GLU A 3 -0.78 -12.31 4.68
CA GLU A 3 -1.75 -11.44 5.33
C GLU A 3 -1.29 -9.98 5.29
N LYS A 4 0.02 -9.79 5.16
CA LYS A 4 0.59 -8.45 5.10
C LYS A 4 0.57 -7.89 3.69
N TRP A 5 0.79 -8.78 2.71
CA TRP A 5 0.78 -8.37 1.31
C TRP A 5 -0.64 -8.14 0.80
N ARG A 6 -1.58 -8.89 1.36
CA ARG A 6 -2.98 -8.78 0.97
C ARG A 6 -3.60 -7.51 1.55
N ASN A 7 -3.04 -7.04 2.66
CA ASN A 7 -3.53 -5.83 3.32
C ASN A 7 -2.82 -4.59 2.80
N LEU A 8 -1.60 -4.78 2.30
CA LEU A 8 -0.82 -3.67 1.77
C LEU A 8 -1.56 -2.98 0.63
N CYS A 9 -1.92 -3.75 -0.40
CA CYS A 9 -2.62 -3.21 -1.55
C CYS A 9 -3.85 -2.42 -1.11
N GLY A 10 -4.55 -2.94 -0.10
CA GLY A 10 -5.74 -2.27 0.39
C GLY A 10 -5.48 -0.83 0.79
N VAL A 11 -4.22 -0.53 1.11
CA VAL A 11 -3.83 0.82 1.51
C VAL A 11 -3.30 1.61 0.32
N VAL A 12 -2.50 0.95 -0.51
CA VAL A 12 -1.92 1.60 -1.69
C VAL A 12 -3.01 1.97 -2.69
N LYS A 13 -4.16 1.31 -2.60
CA LYS A 13 -5.27 1.57 -3.50
C LYS A 13 -6.22 2.60 -2.90
N ASN A 14 -5.89 3.07 -1.70
CA ASN A 14 -6.71 4.07 -1.02
C ASN A 14 -5.93 5.36 -0.78
N PRO A 15 -5.59 6.05 -1.86
CA PRO A 15 -4.83 7.31 -1.80
C PRO A 15 -5.66 8.44 -1.21
N LYS A 16 -6.95 8.20 -1.03
CA LYS A 16 -7.85 9.21 -0.47
C LYS A 16 -7.57 9.43 1.01
N ARG A 17 -7.33 8.33 1.73
CA ARG A 17 -7.06 8.41 3.17
C ARG A 17 -5.61 8.04 3.45
N ARG A 18 -4.98 7.34 2.51
CA ARG A 18 -3.59 6.93 2.66
C ARG A 18 -2.73 7.47 1.53
N PHE A 19 -1.45 7.09 1.53
CA PHE A 19 -0.52 7.55 0.51
C PHE A 19 -0.21 6.43 -0.48
N ARG A 20 0.68 6.71 -1.42
CA ARG A 20 1.06 5.72 -2.43
C ARG A 20 2.55 5.43 -2.37
N PHE A 21 2.91 4.31 -1.75
CA PHE A 21 4.31 3.91 -1.62
C PHE A 21 4.53 2.54 -2.23
N THR A 22 4.82 2.51 -3.52
CA THR A 22 5.06 1.26 -4.23
C THR A 22 6.48 0.76 -3.99
N ALA A 23 7.27 1.54 -3.26
CA ALA A 23 8.64 1.17 -2.96
C ALA A 23 9.48 1.11 -4.23
N ASN A 24 9.09 1.88 -5.24
CA ASN A 24 9.80 1.91 -6.51
C ASN A 24 11.25 2.33 -6.31
N LEU A 25 11.48 3.19 -5.31
CA LEU A 25 12.82 3.67 -5.02
C LEU A 25 13.50 2.80 -3.97
N SER A 26 14.20 1.77 -4.42
CA SER A 26 14.88 0.85 -3.52
C SER A 26 16.04 0.16 -4.23
N VAL A 1 1.93 -15.70 5.82
CA VAL A 1 1.92 -14.25 5.65
C VAL A 1 0.68 -13.80 4.88
N LEU A 2 -0.40 -14.57 5.00
CA LEU A 2 -1.64 -14.25 4.30
C LEU A 2 -2.16 -12.87 4.72
N GLU A 3 -2.25 -12.65 6.02
CA GLU A 3 -2.73 -11.37 6.55
C GLU A 3 -1.87 -10.22 6.03
N LYS A 4 -0.62 -10.52 5.69
CA LYS A 4 0.30 -9.51 5.18
C LYS A 4 -0.02 -9.18 3.72
N TRP A 5 -0.68 -10.10 3.04
CA TRP A 5 -1.03 -9.90 1.64
C TRP A 5 -2.39 -9.22 1.52
N ARG A 6 -3.26 -9.46 2.50
CA ARG A 6 -4.59 -8.87 2.50
C ARG A 6 -4.55 -7.45 3.08
N ASN A 7 -3.51 -7.16 3.85
CA ASN A 7 -3.37 -5.84 4.47
C ASN A 7 -2.52 -4.93 3.59
N LEU A 8 -1.72 -5.52 2.71
CA LEU A 8 -0.87 -4.76 1.81
C LEU A 8 -1.69 -4.12 0.69
N CYS A 9 -2.44 -4.94 -0.03
CA CYS A 9 -3.28 -4.45 -1.13
C CYS A 9 -4.23 -3.36 -0.64
N GLY A 10 -4.59 -3.43 0.64
CA GLY A 10 -5.50 -2.45 1.20
C GLY A 10 -4.85 -1.10 1.40
N VAL A 11 -3.54 -1.03 1.16
CA VAL A 11 -2.79 0.21 1.30
C VAL A 11 -2.27 0.70 -0.04
N VAL A 12 -1.92 -0.23 -0.91
CA VAL A 12 -1.41 0.10 -2.24
C VAL A 12 -2.54 0.50 -3.18
N LYS A 13 -3.77 0.16 -2.80
CA LYS A 13 -4.93 0.49 -3.61
C LYS A 13 -5.88 1.43 -2.86
N ASN A 14 -5.35 2.08 -1.83
CA ASN A 14 -6.14 3.01 -1.02
C ASN A 14 -5.51 4.40 -1.02
N PRO A 15 -5.49 5.05 -2.21
CA PRO A 15 -4.92 6.38 -2.37
C PRO A 15 -5.76 7.46 -1.68
N LYS A 16 -6.97 7.08 -1.26
CA LYS A 16 -7.87 8.01 -0.59
C LYS A 16 -7.32 8.41 0.78
N ARG A 17 -6.68 7.46 1.45
CA ARG A 17 -6.11 7.71 2.77
C ARG A 17 -4.59 7.54 2.74
N ARG A 18 -4.10 6.75 1.80
CA ARG A 18 -2.67 6.49 1.68
C ARG A 18 -2.03 7.50 0.72
N PHE A 19 -0.70 7.44 0.62
CA PHE A 19 0.03 8.34 -0.26
C PHE A 19 0.69 7.57 -1.40
N ARG A 20 0.75 8.19 -2.58
CA ARG A 20 1.34 7.57 -3.74
C ARG A 20 2.74 7.03 -3.41
N PHE A 21 3.03 5.83 -3.91
CA PHE A 21 4.32 5.19 -3.67
C PHE A 21 5.15 5.15 -4.96
N THR A 22 5.59 6.31 -5.41
CA THR A 22 6.39 6.40 -6.63
C THR A 22 7.65 5.55 -6.52
N ALA A 23 8.06 5.27 -5.28
CA ALA A 23 9.25 4.46 -5.05
C ALA A 23 10.50 5.12 -5.65
N ASN A 24 10.65 6.41 -5.40
CA ASN A 24 11.79 7.16 -5.92
C ASN A 24 12.92 7.21 -4.89
N LEU A 25 12.55 7.27 -3.61
CA LEU A 25 13.53 7.32 -2.53
C LEU A 25 13.60 5.98 -1.80
N SER A 26 14.66 5.79 -1.01
CA SER A 26 14.84 4.56 -0.26
C SER A 26 14.05 4.59 1.03
N VAL A 1 -1.10 -15.91 7.73
CA VAL A 1 -0.10 -15.24 6.89
C VAL A 1 -0.74 -14.65 5.64
N LEU A 2 -1.82 -15.26 5.18
CA LEU A 2 -2.52 -14.79 4.00
C LEU A 2 -3.24 -13.47 4.28
N GLU A 3 -3.92 -13.40 5.40
CA GLU A 3 -4.66 -12.20 5.79
C GLU A 3 -3.72 -10.99 5.82
N LYS A 4 -2.44 -11.25 6.06
CA LYS A 4 -1.44 -10.19 6.12
C LYS A 4 -1.13 -9.65 4.72
N TRP A 5 -1.36 -10.49 3.72
CA TRP A 5 -1.10 -10.10 2.32
C TRP A 5 -2.33 -9.44 1.71
N ARG A 6 -3.51 -9.80 2.21
CA ARG A 6 -4.75 -9.24 1.71
C ARG A 6 -5.06 -7.91 2.39
N ASN A 7 -4.46 -7.69 3.55
CA ASN A 7 -4.67 -6.46 4.30
C ASN A 7 -3.60 -5.43 3.97
N LEU A 8 -2.47 -5.90 3.45
CA LEU A 8 -1.37 -5.01 3.09
C LEU A 8 -1.66 -4.29 1.77
N CYS A 9 -2.22 -5.03 0.82
CA CYS A 9 -2.55 -4.46 -0.48
C CYS A 9 -3.55 -3.32 -0.35
N GLY A 10 -4.24 -3.29 0.79
CA GLY A 10 -5.24 -2.25 1.03
C GLY A 10 -4.61 -0.93 1.43
N VAL A 11 -3.28 -0.92 1.51
CA VAL A 11 -2.56 0.29 1.89
C VAL A 11 -1.57 0.70 0.81
N VAL A 12 -1.01 -0.30 0.13
CA VAL A 12 -0.04 -0.04 -0.93
C VAL A 12 -0.70 0.64 -2.13
N LYS A 13 -1.98 0.34 -2.33
CA LYS A 13 -2.73 0.92 -3.43
C LYS A 13 -3.98 1.64 -2.93
N ASN A 14 -3.79 2.51 -1.94
CA ASN A 14 -4.90 3.27 -1.38
C ASN A 14 -4.54 4.74 -1.26
N PRO A 15 -4.41 5.42 -2.42
CA PRO A 15 -4.07 6.84 -2.47
C PRO A 15 -5.21 7.72 -1.98
N LYS A 16 -6.37 7.12 -1.75
CA LYS A 16 -7.53 7.85 -1.28
C LYS A 16 -7.41 8.17 0.20
N ARG A 17 -6.68 7.33 0.92
CA ARG A 17 -6.48 7.52 2.36
C ARG A 17 -5.01 7.80 2.67
N ARG A 18 -4.12 7.29 1.82
CA ARG A 18 -2.70 7.49 2.00
C ARG A 18 -2.07 8.15 0.78
N PHE A 19 -0.74 8.29 0.80
CA PHE A 19 -0.03 8.90 -0.31
C PHE A 19 0.39 7.85 -1.34
N ARG A 20 1.16 8.28 -2.33
CA ARG A 20 1.63 7.38 -3.39
C ARG A 20 3.14 7.18 -3.30
N PHE A 21 3.55 5.97 -2.92
CA PHE A 21 4.97 5.66 -2.80
C PHE A 21 5.36 4.55 -3.77
N THR A 22 5.72 4.93 -5.00
CA THR A 22 6.12 3.97 -6.01
C THR A 22 7.58 3.57 -5.85
N ALA A 23 8.25 4.15 -4.86
CA ALA A 23 9.64 3.85 -4.60
C ALA A 23 10.52 4.25 -5.78
N ASN A 24 10.18 5.36 -6.41
CA ASN A 24 10.95 5.85 -7.56
C ASN A 24 11.64 7.17 -7.23
N LEU A 25 10.93 8.05 -6.53
CA LEU A 25 11.48 9.34 -6.16
C LEU A 25 11.32 9.59 -4.66
N SER A 26 12.45 9.78 -3.97
CA SER A 26 12.44 10.01 -2.53
C SER A 26 13.00 11.39 -2.20
N VAL A 1 -0.58 -15.99 7.02
CA VAL A 1 0.43 -15.07 6.52
C VAL A 1 -0.06 -14.32 5.29
N LEU A 2 -0.93 -14.97 4.52
CA LEU A 2 -1.49 -14.36 3.31
C LEU A 2 -2.40 -13.19 3.66
N GLU A 3 -3.15 -13.34 4.75
CA GLU A 3 -4.07 -12.29 5.18
C GLU A 3 -3.32 -10.98 5.42
N LYS A 4 -2.02 -11.08 5.67
CA LYS A 4 -1.19 -9.91 5.91
C LYS A 4 -0.78 -9.25 4.60
N TRP A 5 -0.56 -10.07 3.58
CA TRP A 5 -0.16 -9.58 2.27
C TRP A 5 -1.36 -9.03 1.51
N ARG A 6 -2.54 -9.57 1.80
CA ARG A 6 -3.77 -9.12 1.15
C ARG A 6 -4.27 -7.82 1.75
N ASN A 7 -3.85 -7.55 2.99
CA ASN A 7 -4.26 -6.32 3.68
C ASN A 7 -3.23 -5.22 3.49
N LEU A 8 -1.98 -5.62 3.23
CA LEU A 8 -0.90 -4.67 3.03
C LEU A 8 -1.13 -3.83 1.78
N CYS A 9 -1.56 -4.48 0.70
CA CYS A 9 -1.82 -3.79 -0.56
C CYS A 9 -2.92 -2.74 -0.38
N GLY A 10 -3.70 -2.88 0.69
CA GLY A 10 -4.78 -1.94 0.95
C GLY A 10 -4.27 -0.64 1.55
N VAL A 11 -2.96 -0.56 1.75
CA VAL A 11 -2.35 0.64 2.32
C VAL A 11 -1.27 1.21 1.41
N VAL A 12 -0.56 0.32 0.73
CA VAL A 12 0.50 0.73 -0.18
C VAL A 12 -0.05 1.52 -1.36
N LYS A 13 -1.30 1.23 -1.73
CA LYS A 13 -1.95 1.91 -2.84
C LYS A 13 -3.34 2.38 -2.44
N ASN A 14 -3.42 3.17 -1.37
CA ASN A 14 -4.70 3.69 -0.88
C ASN A 14 -4.58 5.16 -0.53
N PRO A 15 -4.36 6.00 -1.55
CA PRO A 15 -4.22 7.45 -1.37
C PRO A 15 -5.54 8.11 -0.99
N LYS A 16 -6.64 7.40 -1.20
CA LYS A 16 -7.97 7.90 -0.88
C LYS A 16 -8.10 8.18 0.62
N ARG A 17 -7.59 7.26 1.43
CA ARG A 17 -7.65 7.42 2.88
C ARG A 17 -6.26 7.70 3.45
N ARG A 18 -5.23 7.29 2.73
CA ARG A 18 -3.85 7.49 3.16
C ARG A 18 -3.09 8.37 2.17
N PHE A 19 -1.78 8.45 2.34
CA PHE A 19 -0.95 9.27 1.46
C PHE A 19 0.03 8.39 0.68
N ARG A 20 0.10 8.62 -0.62
CA ARG A 20 0.98 7.84 -1.49
C ARG A 20 2.44 8.03 -1.07
N PHE A 21 3.22 6.96 -1.18
CA PHE A 21 4.64 7.00 -0.81
C PHE A 21 5.50 7.43 -1.99
N THR A 22 5.62 6.54 -2.99
CA THR A 22 6.41 6.83 -4.17
C THR A 22 7.66 7.63 -3.81
N ALA A 23 8.32 7.24 -2.73
CA ALA A 23 9.53 7.92 -2.29
C ALA A 23 10.51 8.11 -3.44
N ASN A 24 10.62 7.09 -4.28
CA ASN A 24 11.52 7.15 -5.43
C ASN A 24 11.37 5.91 -6.30
N LEU A 25 11.01 6.11 -7.57
CA LEU A 25 10.84 5.01 -8.50
C LEU A 25 12.18 4.41 -8.90
N SER A 26 12.14 3.26 -9.56
CA SER A 26 13.37 2.59 -10.00
C SER A 26 13.88 3.21 -11.30
N VAL A 1 2.28 -16.10 4.07
CA VAL A 1 1.25 -15.38 4.80
C VAL A 1 0.37 -14.57 3.85
N LEU A 2 -0.50 -15.25 3.13
CA LEU A 2 -1.40 -14.60 2.18
C LEU A 2 -2.33 -13.62 2.90
N GLU A 3 -2.82 -14.04 4.06
CA GLU A 3 -3.73 -13.21 4.85
C GLU A 3 -3.09 -11.87 5.19
N LYS A 4 -1.75 -11.84 5.16
CA LYS A 4 -1.01 -10.63 5.46
C LYS A 4 -0.85 -9.76 4.22
N TRP A 5 -0.68 -10.40 3.08
CA TRP A 5 -0.52 -9.69 1.81
C TRP A 5 -1.86 -9.15 1.31
N ARG A 6 -2.94 -9.87 1.63
CA ARG A 6 -4.28 -9.48 1.21
C ARG A 6 -4.79 -8.32 2.06
N ASN A 7 -4.24 -8.19 3.27
CA ASN A 7 -4.64 -7.14 4.18
C ASN A 7 -3.75 -5.91 4.02
N LEU A 8 -2.54 -6.13 3.54
CA LEU A 8 -1.59 -5.04 3.34
C LEU A 8 -2.04 -4.13 2.20
N CYS A 9 -2.64 -4.73 1.17
CA CYS A 9 -3.11 -3.96 0.02
C CYS A 9 -4.10 -2.89 0.45
N GLY A 10 -4.74 -3.10 1.60
CA GLY A 10 -5.70 -2.13 2.09
C GLY A 10 -5.05 -0.82 2.49
N VAL A 11 -3.72 -0.81 2.56
CA VAL A 11 -2.98 0.38 2.93
C VAL A 11 -1.98 0.76 1.84
N VAL A 12 -1.37 -0.24 1.23
CA VAL A 12 -0.40 -0.01 0.16
C VAL A 12 -1.07 0.54 -1.09
N LYS A 13 -2.39 0.41 -1.15
CA LYS A 13 -3.15 0.89 -2.30
C LYS A 13 -4.32 1.75 -1.84
N ASN A 14 -4.12 2.53 -0.79
CA ASN A 14 -5.16 3.39 -0.25
C ASN A 14 -4.73 4.86 -0.32
N PRO A 15 -4.59 5.39 -1.55
CA PRO A 15 -4.18 6.78 -1.77
C PRO A 15 -5.28 7.76 -1.37
N LYS A 16 -6.44 7.24 -1.03
CA LYS A 16 -7.56 8.08 -0.62
C LYS A 16 -7.34 8.66 0.77
N ARG A 17 -6.83 7.84 1.68
CA ARG A 17 -6.56 8.27 3.05
C ARG A 17 -5.07 8.16 3.37
N ARG A 18 -4.34 7.47 2.50
CA ARG A 18 -2.91 7.28 2.71
C ARG A 18 -2.14 7.51 1.41
N PHE A 19 -1.64 8.74 1.24
CA PHE A 19 -0.88 9.09 0.03
C PHE A 19 0.19 8.05 -0.26
N ARG A 20 0.33 7.70 -1.53
CA ARG A 20 1.31 6.70 -1.95
C ARG A 20 2.69 7.06 -1.40
N PHE A 21 3.60 6.09 -1.44
CA PHE A 21 4.95 6.29 -0.95
C PHE A 21 5.89 6.68 -2.09
N THR A 22 6.18 5.72 -2.96
CA THR A 22 7.07 5.97 -4.10
C THR A 22 8.30 6.75 -3.67
N ALA A 23 8.78 6.49 -2.46
CA ALA A 23 9.96 7.16 -1.94
C ALA A 23 11.08 7.20 -2.98
N ASN A 24 11.22 6.11 -3.73
CA ASN A 24 12.25 6.02 -4.76
C ASN A 24 11.76 6.63 -6.07
N LEU A 25 12.70 7.13 -6.87
CA LEU A 25 12.37 7.75 -8.15
C LEU A 25 12.60 6.77 -9.29
N SER A 26 11.53 6.42 -9.99
CA SER A 26 11.62 5.48 -11.11
C SER A 26 11.61 6.23 -12.44
N VAL A 1 0.73 -16.14 6.56
CA VAL A 1 0.75 -14.68 6.52
C VAL A 1 0.04 -14.15 5.28
N LEU A 2 -0.77 -15.01 4.66
CA LEU A 2 -1.50 -14.63 3.46
C LEU A 2 -2.43 -13.45 3.74
N GLU A 3 -3.23 -13.57 4.79
CA GLU A 3 -4.16 -12.50 5.16
C GLU A 3 -3.42 -11.18 5.39
N LYS A 4 -2.14 -11.29 5.75
CA LYS A 4 -1.32 -10.11 6.00
C LYS A 4 -0.90 -9.46 4.68
N TRP A 5 -0.90 -10.24 3.60
CA TRP A 5 -0.53 -9.73 2.29
C TRP A 5 -1.73 -9.17 1.56
N ARG A 6 -2.91 -9.70 1.88
CA ARG A 6 -4.14 -9.25 1.24
C ARG A 6 -4.70 -8.01 1.94
N ASN A 7 -4.27 -7.80 3.18
CA ASN A 7 -4.72 -6.65 3.96
C ASN A 7 -3.73 -5.50 3.86
N LEU A 8 -2.49 -5.83 3.51
CA LEU A 8 -1.44 -4.82 3.37
C LEU A 8 -1.58 -4.06 2.06
N CYS A 9 -1.97 -4.79 1.01
CA CYS A 9 -2.14 -4.18 -0.31
C CYS A 9 -3.15 -3.04 -0.26
N GLY A 10 -4.02 -3.08 0.74
CA GLY A 10 -5.04 -2.05 0.88
C GLY A 10 -4.47 -0.76 1.45
N VAL A 11 -3.18 -0.77 1.77
CA VAL A 11 -2.53 0.41 2.33
C VAL A 11 -1.40 0.89 1.44
N VAL A 12 -0.78 -0.05 0.72
CA VAL A 12 0.32 0.29 -0.19
C VAL A 12 -0.20 0.97 -1.44
N LYS A 13 -1.43 0.65 -1.82
CA LYS A 13 -2.04 1.23 -3.02
C LYS A 13 -3.36 1.92 -2.67
N ASN A 14 -3.34 2.74 -1.62
CA ASN A 14 -4.53 3.45 -1.19
C ASN A 14 -4.20 4.91 -0.84
N PRO A 15 -3.83 5.69 -1.87
CA PRO A 15 -3.49 7.11 -1.70
C PRO A 15 -4.70 7.96 -1.34
N LYS A 16 -5.88 7.37 -1.46
CA LYS A 16 -7.12 8.08 -1.14
C LYS A 16 -7.24 8.33 0.35
N ARG A 17 -6.75 7.39 1.16
CA ARG A 17 -6.79 7.50 2.61
C ARG A 17 -5.40 7.55 3.20
N ARG A 18 -4.43 6.97 2.48
CA ARG A 18 -3.04 6.95 2.93
C ARG A 18 -2.28 8.14 2.38
N PHE A 19 -0.95 8.12 2.56
CA PHE A 19 -0.11 9.20 2.09
C PHE A 19 0.76 8.74 0.91
N ARG A 20 1.40 9.70 0.24
CA ARG A 20 2.24 9.39 -0.90
C ARG A 20 3.26 8.30 -0.56
N PHE A 21 3.84 7.70 -1.58
CA PHE A 21 4.82 6.64 -1.38
C PHE A 21 6.01 6.82 -2.32
N THR A 22 5.83 6.46 -3.58
CA THR A 22 6.88 6.58 -4.57
C THR A 22 8.21 6.07 -4.03
N ALA A 23 8.14 5.02 -3.22
CA ALA A 23 9.35 4.44 -2.63
C ALA A 23 10.42 4.23 -3.68
N ASN A 24 10.01 3.86 -4.89
CA ASN A 24 10.94 3.64 -5.99
C ASN A 24 10.43 4.29 -7.28
N LEU A 25 10.84 5.52 -7.50
CA LEU A 25 10.44 6.25 -8.69
C LEU A 25 11.16 5.73 -9.93
N SER A 26 10.62 4.66 -10.52
CA SER A 26 11.21 4.06 -11.71
C SER A 26 12.72 3.89 -11.54
N VAL A 1 0.44 -16.34 5.37
CA VAL A 1 1.35 -15.36 4.81
C VAL A 1 0.62 -14.40 3.88
N LEU A 2 -0.49 -14.85 3.33
CA LEU A 2 -1.28 -14.03 2.41
C LEU A 2 -2.07 -12.97 3.18
N GLU A 3 -2.51 -13.31 4.38
CA GLU A 3 -3.27 -12.40 5.22
C GLU A 3 -2.48 -11.12 5.48
N LYS A 4 -1.16 -11.22 5.35
CA LYS A 4 -0.28 -10.07 5.57
C LYS A 4 -0.20 -9.21 4.31
N TRP A 5 -0.22 -9.84 3.15
CA TRP A 5 -0.15 -9.14 1.88
C TRP A 5 -1.50 -8.52 1.52
N ARG A 6 -2.57 -9.16 1.95
CA ARG A 6 -3.92 -8.67 1.68
C ARG A 6 -4.29 -7.52 2.62
N ASN A 7 -3.60 -7.47 3.76
CA ASN A 7 -3.85 -6.42 4.75
C ASN A 7 -2.97 -5.21 4.49
N LEU A 8 -1.81 -5.45 3.88
CA LEU A 8 -0.87 -4.37 3.57
C LEU A 8 -1.36 -3.53 2.39
N CYS A 9 -1.79 -4.21 1.34
CA CYS A 9 -2.28 -3.54 0.14
C CYS A 9 -3.44 -2.61 0.48
N GLY A 10 -4.15 -2.92 1.57
CA GLY A 10 -5.27 -2.11 1.98
C GLY A 10 -4.85 -0.75 2.49
N VAL A 11 -3.56 -0.60 2.80
CA VAL A 11 -3.03 0.66 3.30
C VAL A 11 -1.93 1.19 2.39
N VAL A 12 -1.35 0.31 1.59
CA VAL A 12 -0.29 0.69 0.65
C VAL A 12 -0.85 0.98 -0.73
N LYS A 13 -2.00 0.37 -1.04
CA LYS A 13 -2.64 0.56 -2.34
C LYS A 13 -3.97 1.27 -2.17
N ASN A 14 -4.14 1.99 -1.07
CA ASN A 14 -5.37 2.71 -0.80
C ASN A 14 -5.11 4.21 -0.70
N PRO A 15 -4.92 4.86 -1.85
CA PRO A 15 -4.65 6.31 -1.91
C PRO A 15 -5.88 7.13 -1.53
N LYS A 16 -7.02 6.46 -1.34
CA LYS A 16 -8.25 7.13 -0.96
C LYS A 16 -8.14 7.72 0.44
N ARG A 17 -7.66 6.91 1.38
CA ARG A 17 -7.51 7.35 2.77
C ARG A 17 -6.04 7.43 3.15
N ARG A 18 -5.18 6.79 2.36
CA ARG A 18 -3.75 6.80 2.62
C ARG A 18 -3.02 7.73 1.66
N PHE A 19 -1.70 7.66 1.66
CA PHE A 19 -0.88 8.50 0.79
C PHE A 19 0.17 7.67 0.06
N ARG A 20 0.28 7.87 -1.24
CA ARG A 20 1.24 7.15 -2.06
C ARG A 20 2.66 7.33 -1.52
N PHE A 21 3.40 6.24 -1.42
CA PHE A 21 4.77 6.28 -0.92
C PHE A 21 5.76 6.55 -2.06
N THR A 22 5.94 5.54 -2.91
CA THR A 22 6.85 5.66 -4.04
C THR A 22 8.18 6.31 -3.62
N ALA A 23 8.61 6.01 -2.40
CA ALA A 23 9.86 6.56 -1.87
C ALA A 23 10.97 6.44 -2.90
N ASN A 24 11.00 5.33 -3.62
CA ASN A 24 12.03 5.10 -4.63
C ASN A 24 11.43 5.18 -6.03
N LEU A 25 11.53 6.35 -6.64
CA LEU A 25 11.00 6.57 -7.99
C LEU A 25 11.69 5.64 -9.00
N SER A 26 13.01 5.58 -8.93
CA SER A 26 13.79 4.72 -9.82
C SER A 26 13.38 3.26 -9.68
N VAL A 1 1.70 -16.27 5.57
CA VAL A 1 1.39 -14.85 5.78
C VAL A 1 0.54 -14.30 4.64
N LEU A 2 -0.24 -15.16 4.02
CA LEU A 2 -1.11 -14.76 2.91
C LEU A 2 -2.08 -13.67 3.35
N GLU A 3 -2.78 -13.92 4.45
CA GLU A 3 -3.75 -12.95 4.97
C GLU A 3 -3.08 -11.61 5.24
N LYS A 4 -1.77 -11.64 5.51
CA LYS A 4 -1.02 -10.43 5.78
C LYS A 4 -0.75 -9.65 4.49
N TRP A 5 -0.78 -10.36 3.37
CA TRP A 5 -0.54 -9.74 2.07
C TRP A 5 -1.84 -9.21 1.48
N ARG A 6 -2.95 -9.85 1.81
CA ARG A 6 -4.25 -9.44 1.31
C ARG A 6 -4.84 -8.31 2.15
N ASN A 7 -4.34 -8.19 3.38
CA ASN A 7 -4.82 -7.15 4.29
C ASN A 7 -3.95 -5.91 4.19
N LEU A 8 -2.73 -6.08 3.69
CA LEU A 8 -1.81 -4.96 3.54
C LEU A 8 -2.13 -4.14 2.29
N CYS A 9 -2.53 -4.83 1.23
CA CYS A 9 -2.88 -4.17 -0.03
C CYS A 9 -4.03 -3.20 0.18
N GLY A 10 -4.79 -3.40 1.25
CA GLY A 10 -5.91 -2.52 1.54
C GLY A 10 -5.47 -1.13 1.97
N VAL A 11 -4.17 -0.97 2.19
CA VAL A 11 -3.64 0.32 2.62
C VAL A 11 -2.50 0.76 1.70
N VAL A 12 -1.69 -0.20 1.25
CA VAL A 12 -0.58 0.09 0.36
C VAL A 12 -1.06 0.60 -0.99
N LYS A 13 -2.35 0.40 -1.26
CA LYS A 13 -2.94 0.84 -2.52
C LYS A 13 -4.23 1.61 -2.27
N ASN A 14 -4.32 2.25 -1.11
CA ASN A 14 -5.50 3.04 -0.76
C ASN A 14 -5.16 4.52 -0.69
N PRO A 15 -5.04 5.16 -1.86
CA PRO A 15 -4.73 6.59 -1.96
C PRO A 15 -5.88 7.48 -1.49
N LYS A 16 -7.01 6.84 -1.18
CA LYS A 16 -8.18 7.57 -0.71
C LYS A 16 -7.92 8.22 0.65
N ARG A 17 -7.37 7.44 1.58
CA ARG A 17 -7.07 7.93 2.91
C ARG A 17 -5.57 7.90 3.17
N ARG A 18 -4.84 7.17 2.33
CA ARG A 18 -3.39 7.05 2.47
C ARG A 18 -2.67 7.89 1.43
N PHE A 19 -1.36 7.70 1.33
CA PHE A 19 -0.55 8.44 0.37
C PHE A 19 -0.12 7.55 -0.80
N ARG A 20 0.79 8.05 -1.63
CA ARG A 20 1.29 7.30 -2.77
C ARG A 20 2.78 7.02 -2.63
N PHE A 21 3.10 5.84 -2.11
CA PHE A 21 4.49 5.45 -1.93
C PHE A 21 4.83 4.22 -2.78
N THR A 22 5.24 4.47 -4.02
CA THR A 22 5.60 3.39 -4.93
C THR A 22 7.03 2.92 -4.71
N ALA A 23 7.72 3.57 -3.77
CA ALA A 23 9.10 3.22 -3.46
C ALA A 23 10.01 3.45 -4.66
N ASN A 24 9.81 4.58 -5.33
CA ASN A 24 10.62 4.93 -6.50
C ASN A 24 11.05 6.39 -6.46
N LEU A 25 12.17 6.69 -7.11
CA LEU A 25 12.69 8.05 -7.15
C LEU A 25 12.87 8.53 -8.58
N SER A 26 13.02 9.85 -8.75
CA SER A 26 13.20 10.43 -10.06
C SER A 26 14.68 10.50 -10.44
N VAL A 1 1.92 -15.17 5.24
CA VAL A 1 2.52 -14.28 4.26
C VAL A 1 1.46 -13.51 3.50
N LEU A 2 0.26 -14.08 3.42
CA LEU A 2 -0.85 -13.46 2.71
C LEU A 2 -1.39 -12.27 3.50
N GLU A 3 -1.45 -12.42 4.82
CA GLU A 3 -1.94 -11.36 5.69
C GLU A 3 -1.16 -10.07 5.49
N LYS A 4 0.06 -10.20 4.99
CA LYS A 4 0.92 -9.04 4.74
C LYS A 4 0.57 -8.39 3.41
N TRP A 5 0.18 -9.20 2.43
CA TRP A 5 -0.18 -8.69 1.12
C TRP A 5 -1.59 -8.11 1.13
N ARG A 6 -2.44 -8.62 2.03
CA ARG A 6 -3.81 -8.15 2.15
C ARG A 6 -3.88 -6.84 2.92
N ASN A 7 -2.85 -6.58 3.73
CA ASN A 7 -2.78 -5.37 4.53
C ASN A 7 -1.98 -4.29 3.82
N LEU A 8 -1.09 -4.71 2.92
CA LEU A 8 -0.26 -3.78 2.17
C LEU A 8 -1.03 -3.17 1.01
N CYS A 9 -1.50 -4.02 0.10
CA CYS A 9 -2.27 -3.56 -1.05
C CYS A 9 -3.47 -2.74 -0.62
N GLY A 10 -4.04 -3.08 0.53
CA GLY A 10 -5.20 -2.36 1.04
C GLY A 10 -4.87 -0.92 1.39
N VAL A 11 -3.59 -0.60 1.45
CA VAL A 11 -3.15 0.75 1.77
C VAL A 11 -2.41 1.39 0.61
N VAL A 12 -1.76 0.56 -0.19
CA VAL A 12 -1.01 1.04 -1.35
C VAL A 12 -1.94 1.29 -2.54
N LYS A 13 -3.12 0.68 -2.51
CA LYS A 13 -4.10 0.84 -3.57
C LYS A 13 -5.35 1.55 -3.06
N ASN A 14 -5.21 2.24 -1.93
CA ASN A 14 -6.34 2.96 -1.35
C ASN A 14 -6.05 4.45 -1.28
N PRO A 15 -5.97 5.09 -2.46
CA PRO A 15 -5.70 6.53 -2.56
C PRO A 15 -6.87 7.38 -2.06
N LYS A 16 -7.99 6.72 -1.79
CA LYS A 16 -9.18 7.41 -1.31
C LYS A 16 -8.99 7.88 0.14
N ARG A 17 -8.30 7.06 0.93
CA ARG A 17 -8.06 7.39 2.32
C ARG A 17 -6.56 7.54 2.59
N ARG A 18 -5.75 6.94 1.73
CA ARG A 18 -4.29 7.00 1.87
C ARG A 18 -3.71 8.08 0.96
N PHE A 19 -2.39 8.08 0.84
CA PHE A 19 -1.70 9.05 -0.01
C PHE A 19 -1.00 8.36 -1.17
N ARG A 20 -0.17 9.12 -1.88
CA ARG A 20 0.56 8.58 -3.02
C ARG A 20 2.07 8.76 -2.85
N PHE A 21 2.79 7.65 -2.83
CA PHE A 21 4.24 7.69 -2.66
C PHE A 21 4.94 7.10 -3.87
N THR A 22 4.93 5.78 -3.98
CA THR A 22 5.56 5.08 -5.09
C THR A 22 6.94 5.67 -5.38
N ALA A 23 7.64 6.06 -4.33
CA ALA A 23 8.98 6.62 -4.47
C ALA A 23 9.84 5.78 -5.40
N ASN A 24 9.66 4.46 -5.33
CA ASN A 24 10.42 3.54 -6.16
C ASN A 24 11.91 3.62 -5.84
N LEU A 25 12.22 3.90 -4.58
CA LEU A 25 13.61 3.99 -4.13
C LEU A 25 14.30 2.64 -4.21
N SER A 26 15.57 2.60 -3.81
CA SER A 26 16.35 1.37 -3.83
C SER A 26 17.34 1.34 -2.69
N VAL A 1 -0.40 -17.73 7.50
CA VAL A 1 -0.58 -16.29 7.36
C VAL A 1 -1.12 -15.92 5.99
N LEU A 2 -2.35 -15.40 5.96
CA LEU A 2 -2.98 -15.02 4.70
C LEU A 2 -3.73 -13.70 4.86
N GLU A 3 -4.51 -13.59 5.93
CA GLU A 3 -5.29 -12.38 6.19
C GLU A 3 -4.38 -11.16 6.25
N LYS A 4 -3.10 -11.39 6.53
CA LYS A 4 -2.13 -10.31 6.61
C LYS A 4 -1.70 -9.86 5.22
N TRP A 5 -1.60 -10.81 4.30
CA TRP A 5 -1.20 -10.52 2.93
C TRP A 5 -2.33 -9.84 2.16
N ARG A 6 -3.56 -10.23 2.48
CA ARG A 6 -4.73 -9.68 1.82
C ARG A 6 -4.98 -8.24 2.28
N ASN A 7 -4.54 -7.92 3.49
CA ASN A 7 -4.73 -6.59 4.05
C ASN A 7 -3.54 -5.69 3.70
N LEU A 8 -2.39 -6.32 3.46
CA LEU A 8 -1.18 -5.57 3.11
C LEU A 8 -1.38 -4.77 1.82
N CYS A 9 -1.94 -5.42 0.82
CA CYS A 9 -2.18 -4.78 -0.47
C CYS A 9 -3.13 -3.59 -0.30
N GLY A 10 -3.86 -3.57 0.80
CA GLY A 10 -4.80 -2.49 1.06
C GLY A 10 -4.11 -1.23 1.55
N VAL A 11 -2.79 -1.30 1.70
CA VAL A 11 -2.01 -0.17 2.16
C VAL A 11 -0.93 0.22 1.15
N VAL A 12 -0.38 -0.79 0.49
CA VAL A 12 0.66 -0.56 -0.51
C VAL A 12 0.13 0.22 -1.69
N LYS A 13 -1.15 0.06 -1.97
CA LYS A 13 -1.79 0.76 -3.09
C LYS A 13 -3.11 1.39 -2.66
N ASN A 14 -3.04 2.27 -1.67
CA ASN A 14 -4.24 2.94 -1.15
C ASN A 14 -3.95 4.41 -0.86
N PRO A 15 -3.65 5.18 -1.92
CA PRO A 15 -3.35 6.60 -1.81
C PRO A 15 -4.58 7.42 -1.45
N LYS A 16 -5.74 6.78 -1.48
CA LYS A 16 -6.99 7.45 -1.16
C LYS A 16 -7.07 7.78 0.33
N ARG A 17 -6.66 6.83 1.16
CA ARG A 17 -6.68 7.02 2.61
C ARG A 17 -5.26 7.19 3.15
N ARG A 18 -4.28 6.70 2.42
CA ARG A 18 -2.89 6.80 2.82
C ARG A 18 -2.06 7.54 1.77
N PHE A 19 -0.76 7.62 2.01
CA PHE A 19 0.14 8.31 1.08
C PHE A 19 0.54 7.39 -0.07
N ARG A 20 1.44 7.89 -0.93
CA ARG A 20 1.89 7.11 -2.08
C ARG A 20 3.33 6.65 -1.88
N PHE A 21 3.74 5.64 -2.64
CA PHE A 21 5.09 5.10 -2.55
C PHE A 21 5.92 5.53 -3.76
N THR A 22 5.87 6.80 -4.09
CA THR A 22 6.61 7.33 -5.23
C THR A 22 8.07 7.59 -4.85
N ALA A 23 8.72 6.58 -4.30
CA ALA A 23 10.12 6.68 -3.90
C ALA A 23 10.96 7.32 -5.01
N ASN A 24 10.77 6.82 -6.23
CA ASN A 24 11.52 7.35 -7.38
C ASN A 24 10.83 8.58 -7.95
N LEU A 25 11.61 9.64 -8.15
CA LEU A 25 11.08 10.89 -8.69
C LEU A 25 11.65 11.15 -10.10
N SER A 26 11.05 12.11 -10.79
CA SER A 26 11.48 12.46 -12.14
C SER A 26 12.10 13.85 -12.16
N VAL A 1 -2.11 -17.17 7.28
CA VAL A 1 -1.16 -16.59 6.32
C VAL A 1 -1.86 -15.62 5.38
N LEU A 2 -3.15 -15.85 5.14
CA LEU A 2 -3.93 -15.00 4.25
C LEU A 2 -4.24 -13.66 4.91
N GLU A 3 -4.46 -13.69 6.23
CA GLU A 3 -4.76 -12.48 6.98
C GLU A 3 -3.65 -11.45 6.82
N LYS A 4 -2.45 -11.93 6.47
CA LYS A 4 -1.31 -11.05 6.29
C LYS A 4 -1.32 -10.43 4.89
N TRP A 5 -1.78 -11.19 3.92
CA TRP A 5 -1.84 -10.72 2.53
C TRP A 5 -3.05 -9.80 2.33
N ARG A 6 -4.11 -10.05 3.10
CA ARG A 6 -5.33 -9.25 3.00
C ARG A 6 -5.18 -7.93 3.74
N ASN A 7 -4.23 -7.89 4.68
CA ASN A 7 -3.98 -6.69 5.47
C ASN A 7 -2.87 -5.85 4.85
N LEU A 8 -2.00 -6.50 4.09
CA LEU A 8 -0.89 -5.82 3.43
C LEU A 8 -1.37 -5.09 2.18
N CYS A 9 -2.07 -5.81 1.31
CA CYS A 9 -2.58 -5.23 0.07
C CYS A 9 -3.37 -3.97 0.36
N GLY A 10 -4.07 -3.94 1.50
CA GLY A 10 -4.87 -2.79 1.86
C GLY A 10 -4.03 -1.52 1.95
N VAL A 11 -2.73 -1.68 2.12
CA VAL A 11 -1.82 -0.55 2.23
C VAL A 11 -1.00 -0.38 0.96
N VAL A 12 -0.63 -1.50 0.35
CA VAL A 12 0.15 -1.48 -0.88
C VAL A 12 -0.48 -0.56 -1.92
N LYS A 13 -1.66 -0.93 -2.39
CA LYS A 13 -2.38 -0.13 -3.39
C LYS A 13 -3.58 0.56 -2.77
N ASN A 14 -3.33 1.70 -2.13
CA ASN A 14 -4.40 2.47 -1.49
C ASN A 14 -4.04 3.95 -1.43
N PRO A 15 -4.03 4.61 -2.60
CA PRO A 15 -3.71 6.04 -2.70
C PRO A 15 -4.80 6.92 -2.10
N LYS A 16 -5.92 6.30 -1.72
CA LYS A 16 -7.03 7.03 -1.14
C LYS A 16 -6.73 7.43 0.30
N ARG A 17 -5.99 6.57 1.00
CA ARG A 17 -5.63 6.82 2.38
C ARG A 17 -4.12 6.95 2.54
N ARG A 18 -3.39 6.36 1.60
CA ARG A 18 -1.93 6.39 1.63
C ARG A 18 -1.36 6.78 0.27
N PHE A 19 -1.05 8.06 0.11
CA PHE A 19 -0.51 8.56 -1.15
C PHE A 19 0.66 7.70 -1.61
N ARG A 20 1.05 7.87 -2.87
CA ARG A 20 2.15 7.11 -3.44
C ARG A 20 3.38 7.19 -2.55
N PHE A 21 4.38 6.36 -2.84
CA PHE A 21 5.62 6.33 -2.06
C PHE A 21 6.76 6.97 -2.84
N THR A 22 6.50 8.15 -3.42
CA THR A 22 7.51 8.85 -4.19
C THR A 22 8.44 9.65 -3.28
N ALA A 23 9.01 8.98 -2.29
CA ALA A 23 9.91 9.62 -1.35
C ALA A 23 10.95 10.47 -2.08
N ASN A 24 11.43 9.96 -3.21
CA ASN A 24 12.42 10.67 -4.01
C ASN A 24 11.77 11.41 -5.18
N LEU A 25 12.32 12.56 -5.53
CA LEU A 25 11.79 13.35 -6.64
C LEU A 25 12.77 13.40 -7.79
N SER A 26 12.68 12.40 -8.68
CA SER A 26 13.56 12.33 -9.84
C SER A 26 13.09 11.24 -10.80
N VAL A 1 -2.25 -16.72 7.98
CA VAL A 1 -1.31 -16.25 6.98
C VAL A 1 -2.00 -15.51 5.85
N LEU A 2 -3.28 -15.85 5.64
CA LEU A 2 -4.06 -15.20 4.59
C LEU A 2 -4.38 -13.75 4.95
N GLU A 3 -4.79 -13.54 6.20
CA GLU A 3 -5.12 -12.21 6.67
C GLU A 3 -3.95 -11.24 6.45
N LYS A 4 -2.74 -11.78 6.47
CA LYS A 4 -1.55 -10.98 6.28
C LYS A 4 -1.42 -10.53 4.83
N TRP A 5 -2.02 -11.30 3.92
CA TRP A 5 -1.98 -10.97 2.50
C TRP A 5 -3.13 -10.05 2.11
N ARG A 6 -4.23 -10.13 2.86
CA ARG A 6 -5.39 -9.31 2.60
C ARG A 6 -5.27 -7.95 3.28
N ASN A 7 -4.39 -7.88 4.27
CA ASN A 7 -4.17 -6.63 5.01
C ASN A 7 -2.99 -5.85 4.42
N LEU A 8 -2.13 -6.57 3.70
CA LEU A 8 -0.96 -5.94 3.09
C LEU A 8 -1.34 -5.16 1.84
N CYS A 9 -1.98 -5.85 0.89
CA CYS A 9 -2.40 -5.22 -0.35
C CYS A 9 -3.24 -3.98 -0.07
N GLY A 10 -3.93 -3.98 1.06
CA GLY A 10 -4.76 -2.85 1.42
C GLY A 10 -3.96 -1.57 1.61
N VAL A 11 -2.65 -1.72 1.74
CA VAL A 11 -1.76 -0.57 1.92
C VAL A 11 -0.71 -0.51 0.82
N VAL A 12 -0.24 -1.68 0.40
CA VAL A 12 0.78 -1.76 -0.65
C VAL A 12 0.31 -1.04 -1.92
N LYS A 13 -1.00 -0.93 -2.07
CA LYS A 13 -1.57 -0.26 -3.25
C LYS A 13 -2.87 0.44 -2.88
N ASN A 14 -2.77 1.53 -2.13
CA ASN A 14 -3.94 2.30 -1.73
C ASN A 14 -3.63 3.79 -1.69
N PRO A 15 -3.37 4.37 -2.87
CA PRO A 15 -3.06 5.79 -3.00
C PRO A 15 -4.26 6.68 -2.72
N LYS A 16 -5.43 6.06 -2.58
CA LYS A 16 -6.66 6.79 -2.30
C LYS A 16 -6.68 7.33 -0.88
N ARG A 17 -6.21 6.51 0.06
CA ARG A 17 -6.17 6.89 1.47
C ARG A 17 -4.73 7.07 1.93
N ARG A 18 -3.79 6.48 1.20
CA ARG A 18 -2.38 6.58 1.54
C ARG A 18 -1.59 7.18 0.39
N PHE A 19 -0.27 7.24 0.56
CA PHE A 19 0.61 7.79 -0.47
C PHE A 19 1.01 6.72 -1.47
N ARG A 20 1.57 7.14 -2.60
CA ARG A 20 2.00 6.23 -3.65
C ARG A 20 3.49 5.91 -3.52
N PHE A 21 3.99 5.97 -2.29
CA PHE A 21 5.40 5.68 -2.04
C PHE A 21 6.30 6.50 -2.97
N THR A 22 6.04 7.80 -3.04
CA THR A 22 6.81 8.69 -3.90
C THR A 22 8.10 9.14 -3.21
N ALA A 23 8.85 8.17 -2.70
CA ALA A 23 10.11 8.46 -2.01
C ALA A 23 10.94 9.46 -2.81
N ASN A 24 11.00 9.27 -4.12
CA ASN A 24 11.77 10.15 -4.99
C ASN A 24 10.84 10.94 -5.92
N LEU A 25 10.89 12.26 -5.79
CA LEU A 25 10.05 13.14 -6.61
C LEU A 25 10.79 13.56 -7.87
N SER A 26 10.64 12.77 -8.93
CA SER A 26 11.29 13.06 -10.20
C SER A 26 12.77 13.43 -9.99
N VAL A 1 -0.37 -16.87 6.60
CA VAL A 1 0.50 -15.72 6.43
C VAL A 1 -0.02 -14.79 5.33
N LEU A 2 -1.17 -15.14 4.77
CA LEU A 2 -1.77 -14.35 3.71
C LEU A 2 -2.58 -13.18 4.29
N GLU A 3 -3.00 -13.34 5.54
CA GLU A 3 -3.78 -12.30 6.22
C GLU A 3 -3.03 -10.97 6.21
N LYS A 4 -1.71 -11.04 6.07
CA LYS A 4 -0.87 -9.85 6.05
C LYS A 4 -0.70 -9.32 4.63
N TRP A 5 -0.70 -10.24 3.67
CA TRP A 5 -0.54 -9.87 2.27
C TRP A 5 -1.85 -9.39 1.68
N ARG A 6 -2.96 -9.80 2.29
CA ARG A 6 -4.28 -9.41 1.83
C ARG A 6 -4.67 -8.04 2.37
N ASN A 7 -3.99 -7.61 3.43
CA ASN A 7 -4.26 -6.31 4.05
C ASN A 7 -3.29 -5.25 3.54
N LEU A 8 -2.12 -5.71 3.06
CA LEU A 8 -1.10 -4.80 2.55
C LEU A 8 -1.60 -4.08 1.29
N CYS A 9 -2.13 -4.85 0.35
CA CYS A 9 -2.64 -4.29 -0.90
C CYS A 9 -3.77 -3.30 -0.62
N GLY A 10 -4.37 -3.40 0.55
CA GLY A 10 -5.45 -2.51 0.91
C GLY A 10 -4.96 -1.14 1.33
N VAL A 11 -3.64 -0.96 1.33
CA VAL A 11 -3.04 0.32 1.70
C VAL A 11 -2.21 0.89 0.56
N VAL A 12 -1.57 0.01 -0.20
CA VAL A 12 -0.75 0.43 -1.32
C VAL A 12 -1.59 1.06 -2.43
N LYS A 13 -2.84 0.61 -2.54
CA LYS A 13 -3.74 1.12 -3.55
C LYS A 13 -4.92 1.85 -2.91
N ASN A 14 -4.65 2.51 -1.79
CA ASN A 14 -5.69 3.25 -1.07
C ASN A 14 -5.34 4.73 -0.97
N PRO A 15 -5.29 5.41 -2.14
CA PRO A 15 -4.96 6.83 -2.20
C PRO A 15 -6.07 7.71 -1.64
N LYS A 16 -7.27 7.14 -1.52
CA LYS A 16 -8.41 7.87 -0.99
C LYS A 16 -8.11 8.44 0.39
N ARG A 17 -7.51 7.61 1.24
CA ARG A 17 -7.16 8.03 2.59
C ARG A 17 -5.64 8.02 2.80
N ARG A 18 -4.95 7.26 1.96
CA ARG A 18 -3.50 7.16 2.04
C ARG A 18 -2.86 7.42 0.69
N PHE A 19 -2.65 8.68 0.36
CA PHE A 19 -2.04 9.06 -0.91
C PHE A 19 -0.75 8.28 -1.15
N ARG A 20 -0.39 8.13 -2.42
CA ARG A 20 0.82 7.40 -2.78
C ARG A 20 2.02 7.92 -2.01
N PHE A 21 3.04 7.08 -1.87
CA PHE A 21 4.25 7.46 -1.14
C PHE A 21 5.35 7.87 -2.11
N THR A 22 5.90 6.91 -2.84
CA THR A 22 6.96 7.18 -3.80
C THR A 22 8.00 8.12 -3.22
N ALA A 23 8.27 7.98 -1.92
CA ALA A 23 9.25 8.82 -1.24
C ALA A 23 10.54 8.91 -2.04
N ASN A 24 10.90 7.82 -2.70
CA ASN A 24 12.12 7.78 -3.51
C ASN A 24 11.87 7.08 -4.83
N LEU A 25 12.92 6.92 -5.62
CA LEU A 25 12.81 6.26 -6.92
C LEU A 25 13.00 4.75 -6.78
N SER A 26 11.88 4.03 -6.71
CA SER A 26 11.91 2.58 -6.57
C SER A 26 11.76 1.91 -7.93
N VAL A 1 -0.15 -16.23 7.04
CA VAL A 1 0.71 -15.45 6.15
C VAL A 1 -0.11 -14.75 5.07
N LEU A 2 -1.20 -15.40 4.65
CA LEU A 2 -2.07 -14.83 3.63
C LEU A 2 -2.82 -13.61 4.16
N GLU A 3 -3.34 -13.72 5.37
CA GLU A 3 -4.08 -12.62 5.98
C GLU A 3 -3.23 -11.36 6.02
N LYS A 4 -1.92 -11.53 6.12
CA LYS A 4 -0.99 -10.40 6.16
C LYS A 4 -0.92 -9.71 4.79
N TRP A 5 -1.21 -10.46 3.74
CA TRP A 5 -1.17 -9.92 2.39
C TRP A 5 -2.51 -9.32 2.00
N ARG A 6 -3.58 -9.84 2.61
CA ARG A 6 -4.93 -9.35 2.33
C ARG A 6 -5.26 -8.13 3.19
N ASN A 7 -4.50 -7.96 4.27
CA ASN A 7 -4.72 -6.84 5.18
C ASN A 7 -3.80 -5.67 4.82
N LEU A 8 -2.73 -5.96 4.09
CA LEU A 8 -1.78 -4.94 3.68
C LEU A 8 -2.30 -4.17 2.47
N CYS A 9 -2.97 -4.87 1.57
CA CYS A 9 -3.52 -4.26 0.36
C CYS A 9 -4.47 -3.12 0.72
N GLY A 10 -5.02 -3.19 1.94
CA GLY A 10 -5.94 -2.16 2.38
C GLY A 10 -5.26 -0.83 2.63
N VAL A 11 -3.94 -0.82 2.58
CA VAL A 11 -3.16 0.38 2.80
C VAL A 11 -2.22 0.67 1.63
N VAL A 12 -1.67 -0.41 1.06
CA VAL A 12 -0.76 -0.28 -0.06
C VAL A 12 -1.50 0.19 -1.32
N LYS A 13 -2.81 0.18 -1.26
CA LYS A 13 -3.64 0.60 -2.39
C LYS A 13 -4.73 1.56 -1.94
N ASN A 14 -4.47 2.29 -0.85
CA ASN A 14 -5.42 3.25 -0.32
C ASN A 14 -4.85 4.65 -0.30
N PRO A 15 -4.70 5.25 -1.49
CA PRO A 15 -4.16 6.60 -1.64
C PRO A 15 -5.10 7.67 -1.11
N LYS A 16 -6.29 7.24 -0.69
CA LYS A 16 -7.29 8.16 -0.15
C LYS A 16 -6.81 8.77 1.17
N ARG A 17 -6.31 7.93 2.06
CA ARG A 17 -5.83 8.38 3.36
C ARG A 17 -4.34 8.09 3.51
N ARG A 18 -3.82 7.23 2.65
CA ARG A 18 -2.41 6.85 2.69
C ARG A 18 -1.61 7.63 1.63
N PHE A 19 -0.36 7.24 1.43
CA PHE A 19 0.49 7.88 0.45
C PHE A 19 0.99 6.89 -0.59
N ARG A 20 0.72 7.17 -1.85
CA ARG A 20 1.14 6.30 -2.95
C ARG A 20 2.62 5.94 -2.83
N PHE A 21 3.02 4.88 -3.50
CA PHE A 21 4.41 4.43 -3.46
C PHE A 21 5.01 4.41 -4.87
N THR A 22 5.23 5.59 -5.43
CA THR A 22 5.80 5.72 -6.76
C THR A 22 7.07 4.89 -6.90
N ALA A 23 7.76 4.69 -5.78
CA ALA A 23 9.00 3.92 -5.77
C ALA A 23 10.08 4.61 -6.58
N ASN A 24 9.97 5.92 -6.72
CA ASN A 24 10.94 6.71 -7.48
C ASN A 24 11.25 8.03 -6.77
N LEU A 25 12.54 8.28 -6.56
CA LEU A 25 12.96 9.51 -5.90
C LEU A 25 12.78 10.72 -6.81
N SER A 26 12.39 11.84 -6.22
CA SER A 26 12.17 13.06 -6.98
C SER A 26 12.64 14.28 -6.19
N VAL A 1 0.56 -15.93 5.26
CA VAL A 1 1.48 -14.82 5.01
C VAL A 1 0.93 -13.90 3.92
N LEU A 2 0.25 -14.48 2.94
CA LEU A 2 -0.32 -13.70 1.85
C LEU A 2 -1.40 -12.75 2.37
N GLU A 3 -2.15 -13.20 3.36
CA GLU A 3 -3.22 -12.38 3.94
C GLU A 3 -2.66 -11.06 4.44
N LYS A 4 -1.37 -11.04 4.76
CA LYS A 4 -0.71 -9.83 5.25
C LYS A 4 -0.33 -8.91 4.09
N TRP A 5 0.06 -9.50 2.97
CA TRP A 5 0.45 -8.73 1.80
C TRP A 5 -0.78 -8.20 1.07
N ARG A 6 -1.87 -8.94 1.14
CA ARG A 6 -3.11 -8.55 0.48
C ARG A 6 -3.83 -7.47 1.28
N ASN A 7 -3.54 -7.40 2.58
CA ASN A 7 -4.16 -6.41 3.45
C ASN A 7 -3.31 -5.15 3.52
N LEU A 8 -2.01 -5.30 3.29
CA LEU A 8 -1.09 -4.17 3.34
C LEU A 8 -1.28 -3.26 2.12
N CYS A 9 -1.59 -3.88 0.98
CA CYS A 9 -1.80 -3.12 -0.25
C CYS A 9 -2.96 -2.15 -0.11
N GLY A 10 -3.81 -2.39 0.88
CA GLY A 10 -4.96 -1.54 1.12
C GLY A 10 -4.59 -0.23 1.79
N VAL A 11 -3.30 -0.07 2.09
CA VAL A 11 -2.81 1.14 2.74
C VAL A 11 -1.73 1.81 1.90
N VAL A 12 -0.90 1.01 1.25
CA VAL A 12 0.18 1.52 0.42
C VAL A 12 -0.38 2.33 -0.75
N LYS A 13 -1.58 1.97 -1.20
CA LYS A 13 -2.22 2.66 -2.32
C LYS A 13 -3.67 3.01 -1.97
N ASN A 14 -3.85 3.70 -0.85
CA ASN A 14 -5.19 4.09 -0.41
C ASN A 14 -5.34 5.62 -0.46
N PRO A 15 -5.48 6.16 -1.67
CA PRO A 15 -5.63 7.60 -1.88
C PRO A 15 -6.99 8.11 -1.40
N LYS A 16 -7.86 7.19 -1.01
CA LYS A 16 -9.19 7.54 -0.52
C LYS A 16 -9.09 8.37 0.75
N ARG A 17 -8.34 7.88 1.72
CA ARG A 17 -8.18 8.59 2.99
C ARG A 17 -6.71 8.55 3.43
N ARG A 18 -5.83 8.11 2.54
CA ARG A 18 -4.41 8.03 2.85
C ARG A 18 -3.57 8.51 1.66
N PHE A 19 -2.25 8.45 1.83
CA PHE A 19 -1.34 8.88 0.78
C PHE A 19 -0.42 7.73 0.35
N ARG A 20 -0.28 7.55 -0.96
CA ARG A 20 0.58 6.49 -1.49
C ARG A 20 2.03 6.68 -1.04
N PHE A 21 2.72 5.57 -0.84
CA PHE A 21 4.12 5.61 -0.41
C PHE A 21 5.06 5.56 -1.61
N THR A 22 5.13 4.39 -2.24
CA THR A 22 6.00 4.20 -3.40
C THR A 22 7.29 4.98 -3.25
N ALA A 23 7.88 4.93 -2.06
CA ALA A 23 9.13 5.63 -1.78
C ALA A 23 10.16 5.36 -2.86
N ASN A 24 10.14 4.15 -3.41
CA ASN A 24 11.07 3.76 -4.45
C ASN A 24 10.50 4.06 -5.83
N LEU A 25 11.37 4.08 -6.84
CA LEU A 25 10.95 4.36 -8.21
C LEU A 25 10.86 3.07 -9.02
N SER A 26 11.94 2.28 -8.98
CA SER A 26 11.98 1.02 -9.72
C SER A 26 12.91 0.03 -9.02
#